data_3UID
#
_entry.id   3UID
#
_cell.length_a   48.320
_cell.length_b   60.210
_cell.length_c   100.980
_cell.angle_alpha   90.000
_cell.angle_beta   90.000
_cell.angle_gamma   90.000
#
_symmetry.space_group_name_H-M   'P 21 21 21'
#
loop_
_entity.id
_entity.type
_entity.pdbx_description
1 polymer 'Putative uncharacterized protein'
2 water water
#
_entity_poly.entity_id   1
_entity_poly.type   'polypeptide(L)'
_entity_poly.pdbx_seq_one_letter_code
;MPVTDVKHDLDTLTLTITAEFAAPVTRIWQIYADPRQLEKVWGPPSHPATVVDHDLRPGGRVTYFMTGPDGEKYAGYWEI
TAVDEPHSFSFLDGFADEDFNPNTDLPVSTNVYTFTEHDGGTRATYVGTYASAEALQQVLDMGVIEGASSAINQIDALLT
ATHHHHHH
;
_entity_poly.pdbx_strand_id   A,B
#
# COMPACT_ATOMS: atom_id res chain seq x y z
N PRO A 2 -7.38 1.01 8.44
CA PRO A 2 -6.42 1.16 7.35
C PRO A 2 -5.56 -0.09 7.17
N VAL A 3 -4.73 -0.07 6.15
CA VAL A 3 -3.81 -1.17 5.91
C VAL A 3 -2.69 -1.08 6.94
N THR A 4 -2.35 -2.22 7.56
CA THR A 4 -1.29 -2.26 8.57
C THR A 4 -0.06 -3.08 8.16
N ASP A 5 -0.23 -3.98 7.17
CA ASP A 5 0.89 -4.79 6.67
C ASP A 5 0.56 -5.37 5.31
N VAL A 6 1.59 -5.47 4.49
CA VAL A 6 1.52 -6.20 3.23
C VAL A 6 2.75 -7.10 3.19
N LYS A 7 2.53 -8.40 2.95
CA LYS A 7 3.65 -9.33 2.85
C LYS A 7 3.51 -10.33 1.71
N HIS A 8 4.50 -10.30 0.82
CA HIS A 8 4.67 -11.34 -0.19
C HIS A 8 5.64 -12.36 0.36
N ASP A 9 5.12 -13.54 0.67
CA ASP A 9 5.92 -14.62 1.20
C ASP A 9 6.38 -15.51 0.04
N LEU A 10 7.67 -15.41 -0.30
CA LEU A 10 8.21 -16.14 -1.45
C LEU A 10 8.15 -17.64 -1.23
N ASP A 11 8.34 -18.05 0.03
CA ASP A 11 8.37 -19.46 0.37
C ASP A 11 7.01 -20.16 0.24
N THR A 12 5.92 -19.41 0.38
CA THR A 12 4.59 -20.02 0.38
C THR A 12 3.73 -19.60 -0.83
N LEU A 13 4.29 -18.74 -1.66
CA LEU A 13 3.55 -18.17 -2.79
C LEU A 13 2.28 -17.48 -2.29
N THR A 14 2.39 -16.75 -1.19
CA THR A 14 1.25 -16.04 -0.64
C THR A 14 1.43 -14.54 -0.66
N LEU A 15 0.30 -13.85 -0.86
CA LEU A 15 0.24 -12.41 -0.62
C LEU A 15 -0.78 -12.15 0.49
N THR A 16 -0.29 -11.62 1.60
CA THR A 16 -1.14 -11.38 2.76
C THR A 16 -1.23 -9.89 3.03
N ILE A 17 -2.46 -9.40 3.09
CA ILE A 17 -2.70 -8.01 3.47
C ILE A 17 -3.43 -8.01 4.80
N THR A 18 -2.94 -7.20 5.73
CA THR A 18 -3.55 -7.09 7.04
C THR A 18 -4.10 -5.68 7.20
N ALA A 19 -5.28 -5.57 7.79
CA ALA A 19 -5.90 -4.28 8.05
C ALA A 19 -6.43 -4.26 9.46
N GLU A 20 -6.57 -3.04 9.99
CA GLU A 20 -7.27 -2.84 11.25
CA GLU A 20 -7.24 -2.81 11.27
C GLU A 20 -8.43 -1.89 11.03
N PHE A 21 -9.60 -2.28 11.55
CA PHE A 21 -10.81 -1.48 11.36
C PHE A 21 -11.40 -1.10 12.71
N ALA A 22 -11.89 0.12 12.84
CA ALA A 22 -12.47 0.57 14.11
C ALA A 22 -13.95 0.27 14.15
N ALA A 23 -14.28 -1.02 14.09
CA ALA A 23 -15.64 -1.51 14.18
C ALA A 23 -15.58 -2.98 14.55
N PRO A 24 -16.69 -3.50 15.09
CA PRO A 24 -16.71 -4.90 15.54
CA PRO A 24 -16.68 -4.90 15.54
C PRO A 24 -16.64 -5.90 14.39
N VAL A 25 -16.19 -7.11 14.69
CA VAL A 25 -16.11 -8.17 13.70
C VAL A 25 -17.45 -8.37 13.00
N THR A 26 -18.54 -8.33 13.76
CA THR A 26 -19.87 -8.52 13.16
C THR A 26 -20.16 -7.48 12.10
N ARG A 27 -19.72 -6.24 12.33
CA ARG A 27 -19.90 -5.17 11.33
C ARG A 27 -19.10 -5.41 10.04
N ILE A 28 -17.81 -5.75 10.19
CA ILE A 28 -16.96 -6.02 9.03
C ILE A 28 -17.49 -7.19 8.21
N TRP A 29 -18.00 -8.21 8.89
CA TRP A 29 -18.56 -9.36 8.19
C TRP A 29 -19.61 -8.91 7.17
N GLN A 30 -20.44 -7.95 7.56
CA GLN A 30 -21.53 -7.48 6.72
C GLN A 30 -21.09 -6.72 5.47
N ILE A 31 -19.87 -6.18 5.49
CA ILE A 31 -19.27 -5.59 4.30
C ILE A 31 -19.24 -6.63 3.16
N TYR A 32 -18.89 -7.87 3.51
CA TYR A 32 -18.76 -8.95 2.53
C TYR A 32 -20.06 -9.72 2.31
N ALA A 33 -20.90 -9.75 3.34
CA ALA A 33 -22.14 -10.50 3.28
C ALA A 33 -23.25 -9.77 2.53
N ASP A 34 -23.17 -8.44 2.51
CA ASP A 34 -24.16 -7.62 1.80
C ASP A 34 -23.55 -7.13 0.50
N PRO A 35 -24.08 -7.60 -0.65
CA PRO A 35 -23.41 -7.25 -1.91
C PRO A 35 -23.43 -5.75 -2.23
N ARG A 36 -24.39 -5.00 -1.70
CA ARG A 36 -24.40 -3.55 -1.95
CA ARG A 36 -24.38 -3.56 -1.95
C ARG A 36 -23.26 -2.87 -1.18
N GLN A 37 -22.88 -3.43 -0.05
CA GLN A 37 -21.77 -2.86 0.72
C GLN A 37 -20.42 -3.25 0.11
N LEU A 38 -20.33 -4.49 -0.33
CA LEU A 38 -19.13 -4.96 -1.01
C LEU A 38 -18.88 -4.11 -2.27
N GLU A 39 -19.93 -3.85 -3.03
CA GLU A 39 -19.84 -3.03 -4.23
CA GLU A 39 -19.71 -3.07 -4.23
C GLU A 39 -19.38 -1.62 -3.91
N LYS A 40 -19.85 -1.10 -2.77
CA LYS A 40 -19.51 0.23 -2.33
C LYS A 40 -18.01 0.36 -2.06
N VAL A 41 -17.46 -0.56 -1.28
CA VAL A 41 -16.06 -0.44 -0.89
C VAL A 41 -15.11 -0.77 -2.06
N TRP A 42 -15.59 -1.59 -2.98
CA TRP A 42 -14.82 -1.92 -4.18
C TRP A 42 -14.90 -0.83 -5.26
N GLY A 43 -15.87 0.06 -5.13
CA GLY A 43 -16.15 1.07 -6.13
C GLY A 43 -16.26 2.50 -5.61
N PRO A 44 -15.11 3.10 -5.25
CA PRO A 44 -15.09 4.55 -5.01
C PRO A 44 -15.44 5.29 -6.32
N PRO A 45 -15.76 6.59 -6.25
CA PRO A 45 -16.26 7.31 -7.42
C PRO A 45 -15.37 7.18 -8.66
N SER A 46 -14.05 7.22 -8.49
CA SER A 46 -13.12 7.14 -9.61
C SER A 46 -12.95 5.74 -10.20
N HIS A 47 -13.29 4.71 -9.44
CA HIS A 47 -13.11 3.32 -9.89
C HIS A 47 -14.36 2.49 -9.61
N PRO A 48 -15.42 2.71 -10.40
CA PRO A 48 -16.70 2.04 -10.20
C PRO A 48 -16.58 0.53 -10.21
N ALA A 49 -17.41 -0.11 -9.38
CA ALA A 49 -17.49 -1.55 -9.34
C ALA A 49 -18.96 -1.95 -9.35
N THR A 50 -19.21 -3.18 -9.77
CA THR A 50 -20.53 -3.76 -9.68
C THR A 50 -20.41 -5.17 -9.12
N VAL A 51 -21.20 -5.48 -8.09
CA VAL A 51 -21.34 -6.87 -7.67
C VAL A 51 -22.58 -7.39 -8.36
N VAL A 52 -22.38 -8.40 -9.21
CA VAL A 52 -23.43 -8.92 -10.07
C VAL A 52 -24.21 -10.02 -9.35
N ASP A 53 -23.59 -11.19 -9.23
CA ASP A 53 -24.19 -12.27 -8.45
C ASP A 53 -23.47 -12.36 -7.13
N HIS A 54 -24.17 -12.75 -6.09
CA HIS A 54 -23.57 -12.86 -4.76
C HIS A 54 -24.34 -13.86 -3.91
N ASP A 55 -23.66 -14.93 -3.51
CA ASP A 55 -24.25 -15.96 -2.67
C ASP A 55 -23.15 -16.40 -1.73
N LEU A 56 -23.08 -15.80 -0.54
CA LEU A 56 -21.99 -16.13 0.40
C LEU A 56 -22.31 -17.36 1.24
N ARG A 57 -22.16 -18.53 0.60
CA ARG A 57 -22.40 -19.81 1.25
C ARG A 57 -21.52 -20.80 0.49
N PRO A 58 -21.11 -21.88 1.14
CA PRO A 58 -20.26 -22.86 0.44
C PRO A 58 -20.94 -23.36 -0.84
N GLY A 59 -20.20 -23.35 -1.94
CA GLY A 59 -20.75 -23.71 -3.23
C GLY A 59 -21.33 -22.51 -3.98
N GLY A 60 -21.43 -21.38 -3.29
CA GLY A 60 -21.97 -20.19 -3.91
C GLY A 60 -20.94 -19.49 -4.77
N ARG A 61 -21.39 -18.47 -5.50
CA ARG A 61 -20.51 -17.66 -6.32
C ARG A 61 -20.72 -16.18 -6.05
N VAL A 62 -19.64 -15.42 -6.16
CA VAL A 62 -19.73 -13.96 -6.26
C VAL A 62 -19.11 -13.57 -7.58
N THR A 63 -19.81 -12.77 -8.37
CA THR A 63 -19.27 -12.28 -9.64
C THR A 63 -19.25 -10.77 -9.66
N TYR A 64 -18.22 -10.18 -10.23
CA TYR A 64 -18.05 -8.74 -10.09
C TYR A 64 -17.31 -8.07 -11.25
N PHE A 65 -17.57 -6.79 -11.43
CA PHE A 65 -16.76 -5.94 -12.28
C PHE A 65 -16.03 -4.95 -11.41
N MET A 66 -14.78 -4.66 -11.78
CA MET A 66 -14.01 -3.65 -11.09
CA MET A 66 -13.93 -3.71 -11.09
C MET A 66 -13.33 -2.76 -12.11
N THR A 67 -12.88 -1.59 -11.66
CA THR A 67 -12.10 -0.70 -12.49
C THR A 67 -10.65 -0.73 -12.01
N GLY A 68 -9.74 -1.20 -12.85
CA GLY A 68 -8.32 -1.20 -12.52
C GLY A 68 -7.67 0.16 -12.38
N PRO A 69 -6.43 0.19 -11.90
CA PRO A 69 -5.72 1.44 -11.61
C PRO A 69 -5.76 2.41 -12.78
N ASP A 70 -5.57 1.90 -14.00
CA ASP A 70 -5.54 2.74 -15.19
C ASP A 70 -6.90 2.96 -15.83
N GLY A 71 -7.97 2.46 -15.21
CA GLY A 71 -9.31 2.64 -15.75
C GLY A 71 -9.87 1.44 -16.49
N GLU A 72 -9.04 0.40 -16.67
CA GLU A 72 -9.51 -0.78 -17.40
C GLU A 72 -10.54 -1.56 -16.60
N LYS A 73 -11.71 -1.80 -17.19
CA LYS A 73 -12.69 -2.68 -16.57
C LYS A 73 -12.16 -4.09 -16.62
N TYR A 74 -12.25 -4.78 -15.49
CA TYR A 74 -12.04 -6.22 -15.54
C TYR A 74 -13.12 -6.94 -14.76
N ALA A 75 -13.19 -8.25 -14.96
CA ALA A 75 -14.21 -9.03 -14.31
C ALA A 75 -13.56 -10.18 -13.55
N GLY A 76 -14.26 -10.67 -12.55
CA GLY A 76 -13.72 -11.74 -11.74
C GLY A 76 -14.85 -12.48 -11.08
N TYR A 77 -14.52 -13.62 -10.50
CA TYR A 77 -15.52 -14.40 -9.79
C TYR A 77 -14.89 -15.11 -8.61
N TRP A 78 -15.70 -15.32 -7.58
CA TRP A 78 -15.29 -16.11 -6.43
C TRP A 78 -16.13 -17.39 -6.41
N GLU A 79 -15.48 -18.54 -6.23
CA GLU A 79 -16.21 -19.77 -5.90
C GLU A 79 -16.01 -19.99 -4.41
N ILE A 80 -17.10 -19.82 -3.65
CA ILE A 80 -17.02 -19.91 -2.19
C ILE A 80 -16.86 -21.37 -1.74
N THR A 81 -15.83 -21.63 -0.93
CA THR A 81 -15.59 -22.97 -0.46
C THR A 81 -15.92 -23.20 1.03
N ALA A 82 -15.85 -22.15 1.83
CA ALA A 82 -16.16 -22.27 3.26
C ALA A 82 -16.69 -20.94 3.78
N VAL A 83 -17.64 -21.01 4.72
CA VAL A 83 -18.19 -19.81 5.35
C VAL A 83 -18.37 -20.07 6.85
N ASP A 84 -17.74 -19.24 7.67
CA ASP A 84 -17.77 -19.39 9.12
C ASP A 84 -18.05 -18.01 9.72
N GLU A 85 -19.31 -17.59 9.65
CA GLU A 85 -19.70 -16.27 10.14
C GLU A 85 -19.52 -16.15 11.65
N PRO A 86 -18.97 -15.02 12.13
CA PRO A 86 -18.47 -13.86 11.37
C PRO A 86 -16.95 -13.85 11.28
N HIS A 87 -16.30 -14.99 11.48
CA HIS A 87 -14.84 -14.96 11.59
CA HIS A 87 -14.84 -15.00 11.60
C HIS A 87 -14.07 -15.23 10.30
N SER A 88 -14.66 -15.95 9.35
CA SER A 88 -13.88 -16.28 8.16
C SER A 88 -14.71 -16.77 7.00
N PHE A 89 -14.22 -16.55 5.78
CA PHE A 89 -14.72 -17.26 4.61
C PHE A 89 -13.56 -17.54 3.65
N SER A 90 -13.74 -18.55 2.80
CA SER A 90 -12.68 -19.01 1.92
C SER A 90 -13.23 -19.16 0.53
N PHE A 91 -12.39 -18.94 -0.48
CA PHE A 91 -12.86 -18.97 -1.85
C PHE A 91 -11.75 -19.10 -2.86
N LEU A 92 -12.10 -19.59 -4.04
CA LEU A 92 -11.19 -19.57 -5.18
C LEU A 92 -11.54 -18.35 -6.03
N ASP A 93 -10.53 -17.64 -6.51
CA ASP A 93 -10.78 -16.43 -7.31
C ASP A 93 -10.18 -16.52 -8.70
N GLY A 94 -10.95 -16.14 -9.70
CA GLY A 94 -10.48 -16.15 -11.08
C GLY A 94 -10.80 -14.88 -11.84
N PHE A 95 -10.00 -14.57 -12.85
CA PHE A 95 -10.23 -13.43 -13.73
C PHE A 95 -11.09 -13.86 -14.90
N ALA A 96 -11.92 -12.93 -15.40
CA ALA A 96 -12.87 -13.27 -16.46
C ALA A 96 -13.20 -12.11 -17.39
N ASP A 97 -13.89 -12.43 -18.49
CA ASP A 97 -14.37 -11.43 -19.42
C ASP A 97 -15.73 -10.91 -18.96
N GLU A 98 -16.37 -10.10 -19.78
CA GLU A 98 -17.62 -9.45 -19.38
C GLU A 98 -18.72 -10.48 -19.07
N ASP A 99 -18.60 -11.66 -19.68
CA ASP A 99 -19.60 -12.72 -19.51
C ASP A 99 -19.28 -13.67 -18.37
N PHE A 100 -18.24 -13.33 -17.63
CA PHE A 100 -17.67 -14.15 -16.55
C PHE A 100 -17.07 -15.47 -16.99
N ASN A 101 -16.64 -15.53 -18.24
CA ASN A 101 -15.85 -16.65 -18.71
C ASN A 101 -14.36 -16.37 -18.53
N PRO A 102 -13.62 -17.32 -17.96
CA PRO A 102 -12.17 -17.15 -17.85
C PRO A 102 -11.56 -16.64 -19.15
N ASN A 103 -10.77 -15.57 -19.06
CA ASN A 103 -10.20 -14.95 -20.25
C ASN A 103 -8.69 -14.69 -20.16
N THR A 104 -8.03 -15.37 -19.22
CA THR A 104 -6.57 -15.29 -19.11
C THR A 104 -5.97 -16.70 -19.03
N ASP A 105 -4.65 -16.79 -19.03
CA ASP A 105 -4.01 -18.08 -18.89
C ASP A 105 -3.61 -18.38 -17.45
N LEU A 106 -4.17 -17.60 -16.52
CA LEU A 106 -3.85 -17.75 -15.11
C LEU A 106 -4.77 -18.73 -14.42
N PRO A 107 -4.21 -19.58 -13.54
CA PRO A 107 -5.07 -20.43 -12.70
C PRO A 107 -5.71 -19.59 -11.60
N VAL A 108 -6.71 -20.14 -10.92
CA VAL A 108 -7.30 -19.42 -9.80
C VAL A 108 -6.31 -19.31 -8.64
N SER A 109 -6.54 -18.34 -7.76
CA SER A 109 -5.86 -18.26 -6.48
C SER A 109 -6.82 -18.81 -5.43
N THR A 110 -6.28 -19.28 -4.31
CA THR A 110 -7.09 -19.70 -3.18
C THR A 110 -6.97 -18.65 -2.08
N ASN A 111 -8.06 -18.35 -1.40
CA ASN A 111 -8.09 -17.18 -0.54
C ASN A 111 -8.79 -17.50 0.75
N VAL A 112 -8.25 -16.99 1.86
CA VAL A 112 -8.90 -17.07 3.15
C VAL A 112 -8.94 -15.68 3.80
N TYR A 113 -10.14 -15.19 4.09
CA TYR A 113 -10.30 -13.93 4.83
C TYR A 113 -10.67 -14.25 6.26
N THR A 114 -9.93 -13.66 7.20
CA THR A 114 -10.17 -13.91 8.61
C THR A 114 -10.35 -12.60 9.36
N PHE A 115 -11.41 -12.51 10.17
CA PHE A 115 -11.75 -11.31 10.93
C PHE A 115 -11.74 -11.66 12.42
N THR A 116 -10.85 -11.04 13.18
CA THR A 116 -10.77 -11.33 14.60
C THR A 116 -10.78 -10.07 15.45
N GLU A 117 -11.24 -10.23 16.68
CA GLU A 117 -11.38 -9.11 17.57
C GLU A 117 -10.00 -8.59 17.93
N HIS A 118 -9.83 -7.28 17.83
CA HIS A 118 -8.55 -6.66 18.10
C HIS A 118 -8.82 -5.28 18.69
N ASP A 119 -8.86 -5.23 20.02
CA ASP A 119 -9.14 -3.98 20.75
C ASP A 119 -10.60 -3.56 20.65
N GLY A 120 -11.52 -4.53 20.60
CA GLY A 120 -12.92 -4.25 20.42
C GLY A 120 -13.23 -3.92 18.97
N GLY A 121 -12.16 -3.73 18.20
CA GLY A 121 -12.23 -3.48 16.77
C GLY A 121 -11.94 -4.78 16.04
N THR A 122 -11.49 -4.67 14.79
CA THR A 122 -11.28 -5.85 13.96
C THR A 122 -9.91 -5.84 13.30
N ARG A 123 -9.19 -6.94 13.44
CA ARG A 123 -8.06 -7.17 12.56
C ARG A 123 -8.53 -8.11 11.45
N ALA A 124 -8.31 -7.69 10.21
CA ALA A 124 -8.66 -8.49 9.05
C ALA A 124 -7.41 -8.96 8.37
N THR A 125 -7.33 -10.27 8.11
CA THR A 125 -6.19 -10.84 7.42
C THR A 125 -6.68 -11.49 6.14
N TYR A 126 -6.16 -11.02 5.01
CA TYR A 126 -6.55 -11.52 3.70
C TYR A 126 -5.37 -12.26 3.08
N VAL A 127 -5.47 -13.59 3.03
CA VAL A 127 -4.37 -14.42 2.55
C VAL A 127 -4.71 -15.05 1.21
N GLY A 128 -3.94 -14.70 0.19
CA GLY A 128 -4.10 -15.26 -1.14
C GLY A 128 -2.94 -16.17 -1.47
N THR A 129 -3.25 -17.38 -1.92
CA THR A 129 -2.24 -18.39 -2.21
C THR A 129 -2.27 -18.67 -3.71
N TYR A 130 -1.10 -18.61 -4.34
CA TYR A 130 -1.00 -18.67 -5.80
C TYR A 130 -0.34 -19.94 -6.32
N ALA A 131 -0.62 -20.30 -7.57
CA ALA A 131 -0.17 -21.58 -8.11
C ALA A 131 1.33 -21.61 -8.38
N SER A 132 1.90 -20.45 -8.64
CA SER A 132 3.31 -20.33 -8.98
C SER A 132 3.83 -18.92 -8.77
N ALA A 133 5.15 -18.80 -8.71
CA ALA A 133 5.78 -17.49 -8.57
C ALA A 133 5.42 -16.61 -9.76
N GLU A 134 5.40 -17.20 -10.95
CA GLU A 134 5.06 -16.47 -12.16
C GLU A 134 3.64 -15.92 -12.13
N ALA A 135 2.68 -16.74 -11.71
CA ALA A 135 1.31 -16.30 -11.59
C ALA A 135 1.18 -15.14 -10.61
N LEU A 136 1.78 -15.30 -9.43
CA LEU A 136 1.71 -14.28 -8.41
C LEU A 136 2.33 -12.98 -8.92
N GLN A 137 3.47 -13.08 -9.59
CA GLN A 137 4.14 -11.89 -10.10
C GLN A 137 3.24 -11.16 -11.09
N GLN A 138 2.55 -11.90 -11.93
CA GLN A 138 1.70 -11.28 -12.94
C GLN A 138 0.53 -10.54 -12.31
N VAL A 139 -0.03 -11.12 -11.24
CA VAL A 139 -1.12 -10.49 -10.53
C VAL A 139 -0.64 -9.26 -9.75
N LEU A 140 0.56 -9.34 -9.19
CA LEU A 140 1.15 -8.15 -8.54
C LEU A 140 1.31 -7.02 -9.55
N ASP A 141 1.69 -7.37 -10.77
CA ASP A 141 1.93 -6.35 -11.79
C ASP A 141 0.64 -5.70 -12.28
N MET A 142 -0.48 -6.39 -12.11
CA MET A 142 -1.79 -5.88 -12.48
C MET A 142 -2.34 -4.86 -11.48
N GLY A 143 -1.67 -4.73 -10.35
CA GLY A 143 -2.06 -3.76 -9.34
C GLY A 143 -2.93 -4.29 -8.23
N VAL A 144 -2.88 -5.59 -7.97
CA VAL A 144 -3.72 -6.20 -6.95
C VAL A 144 -3.64 -5.48 -5.60
N ILE A 145 -2.44 -5.07 -5.19
CA ILE A 145 -2.30 -4.46 -3.87
C ILE A 145 -2.98 -3.08 -3.79
N GLU A 146 -2.86 -2.29 -4.86
CA GLU A 146 -3.52 -0.98 -4.93
C GLU A 146 -5.03 -1.13 -4.75
N GLY A 147 -5.61 -2.08 -5.47
CA GLY A 147 -7.04 -2.31 -5.40
C GLY A 147 -7.45 -2.75 -4.01
N ALA A 148 -6.68 -3.65 -3.41
CA ALA A 148 -7.02 -4.18 -2.08
C ALA A 148 -6.94 -3.06 -1.04
N SER A 149 -5.90 -2.24 -1.16
CA SER A 149 -5.74 -1.09 -0.27
C SER A 149 -6.87 -0.08 -0.40
N SER A 150 -7.28 0.21 -1.64
CA SER A 150 -8.42 1.10 -1.84
C SER A 150 -9.67 0.59 -1.12
N ALA A 151 -9.96 -0.71 -1.25
CA ALA A 151 -11.16 -1.26 -0.62
C ALA A 151 -11.08 -1.12 0.89
N ILE A 152 -9.90 -1.39 1.44
CA ILE A 152 -9.69 -1.23 2.88
C ILE A 152 -9.92 0.21 3.35
N ASN A 153 -9.42 1.17 2.58
CA ASN A 153 -9.66 2.56 2.90
C ASN A 153 -11.13 2.94 2.76
N GLN A 154 -11.82 2.35 1.78
CA GLN A 154 -13.26 2.62 1.65
C GLN A 154 -14.03 2.06 2.83
N ILE A 155 -13.62 0.88 3.31
CA ILE A 155 -14.24 0.32 4.51
C ILE A 155 -14.04 1.27 5.67
N ASP A 156 -12.82 1.76 5.87
CA ASP A 156 -12.58 2.77 6.92
C ASP A 156 -13.61 3.90 6.85
N ALA A 157 -13.83 4.42 5.64
CA ALA A 157 -14.71 5.58 5.48
C ALA A 157 -16.14 5.29 5.89
N LEU A 158 -16.59 4.05 5.67
CA LEU A 158 -17.95 3.65 6.00
C LEU A 158 -18.18 3.56 7.50
N LEU A 159 -17.11 3.41 8.26
CA LEU A 159 -17.21 3.13 9.70
C LEU A 159 -17.37 4.37 10.60
N THR A 160 -17.35 5.56 10.01
CA THR A 160 -17.53 6.78 10.78
C THR A 160 -18.57 7.68 10.10
N ALA A 161 -19.35 8.38 10.91
CA ALA A 161 -20.34 9.30 10.38
C ALA A 161 -19.73 10.67 10.11
N THR A 162 -18.46 10.85 10.47
CA THR A 162 -17.77 12.10 10.19
C THR A 162 -17.00 12.00 8.89
N HIS A 163 -17.16 12.99 8.02
CA HIS A 163 -16.48 12.97 6.73
C HIS A 163 -15.47 14.12 6.61
N HIS A 164 -14.64 14.08 5.59
CA HIS A 164 -13.59 15.08 5.42
C HIS A 164 -14.13 16.35 4.76
N PRO B 2 16.22 20.81 -3.60
CA PRO B 2 15.93 21.07 -2.19
C PRO B 2 14.43 21.03 -1.91
N VAL B 3 14.07 21.07 -0.63
CA VAL B 3 12.67 21.20 -0.26
C VAL B 3 12.14 22.58 -0.65
N THR B 4 11.03 22.61 -1.39
CA THR B 4 10.48 23.88 -1.86
C THR B 4 9.14 24.23 -1.25
N ASP B 5 8.47 23.25 -0.65
CA ASP B 5 7.28 23.55 0.11
C ASP B 5 7.02 22.44 1.12
N VAL B 6 6.38 22.81 2.22
CA VAL B 6 6.03 21.86 3.28
C VAL B 6 4.62 22.18 3.75
N LYS B 7 3.73 21.19 3.72
CA LYS B 7 2.40 21.43 4.23
C LYS B 7 1.89 20.17 4.92
N HIS B 8 0.95 20.36 5.85
CA HIS B 8 0.30 19.21 6.46
C HIS B 8 -1.17 19.50 6.62
N ASP B 9 -1.98 18.43 6.69
CA ASP B 9 -3.42 18.56 6.79
C ASP B 9 -3.92 17.69 7.94
N LEU B 10 -4.38 18.32 9.01
CA LEU B 10 -4.83 17.58 10.20
C LEU B 10 -6.21 16.97 9.99
N ASP B 11 -6.80 17.20 8.82
CA ASP B 11 -8.12 16.69 8.51
C ASP B 11 -8.01 15.40 7.72
N THR B 12 -7.16 15.41 6.69
CA THR B 12 -6.92 14.22 5.88
C THR B 12 -5.75 13.42 6.44
N LEU B 13 -5.12 13.95 7.49
CA LEU B 13 -4.01 13.28 8.17
C LEU B 13 -2.80 13.04 7.27
N THR B 14 -2.43 14.06 6.50
CA THR B 14 -1.30 13.92 5.60
C THR B 14 -0.21 14.93 5.89
N LEU B 15 1.00 14.57 5.51
CA LEU B 15 2.16 15.44 5.45
C LEU B 15 2.68 15.42 4.03
N THR B 16 2.78 16.60 3.41
CA THR B 16 3.19 16.72 2.03
C THR B 16 4.47 17.54 1.92
N ILE B 17 5.56 16.89 1.52
CA ILE B 17 6.80 17.59 1.30
C ILE B 17 7.08 17.66 -0.20
N THR B 18 7.37 18.87 -0.69
CA THR B 18 7.58 19.08 -2.12
C THR B 18 9.03 19.47 -2.32
N ALA B 19 9.67 18.88 -3.33
CA ALA B 19 11.06 19.19 -3.63
C ALA B 19 11.24 19.48 -5.11
N GLU B 20 12.26 20.25 -5.45
CA GLU B 20 12.65 20.47 -6.84
CA GLU B 20 12.65 20.42 -6.85
C GLU B 20 14.08 19.99 -6.99
N PHE B 21 14.35 19.18 -8.02
CA PHE B 21 15.70 18.69 -8.25
C PHE B 21 16.20 19.10 -9.62
N ALA B 22 17.46 19.48 -9.70
CA ALA B 22 18.06 19.88 -10.98
C ALA B 22 18.58 18.65 -11.71
N ALA B 23 17.65 17.79 -12.11
CA ALA B 23 17.97 16.52 -12.78
C ALA B 23 16.70 15.99 -13.42
N PRO B 24 16.84 15.11 -14.43
CA PRO B 24 15.63 14.57 -15.08
C PRO B 24 14.94 13.55 -14.19
N VAL B 25 13.66 13.29 -14.48
CA VAL B 25 12.87 12.35 -13.67
C VAL B 25 13.54 10.99 -13.55
N THR B 26 14.12 10.48 -14.64
CA THR B 26 14.72 9.16 -14.56
C THR B 26 15.94 9.14 -13.63
N ARG B 27 16.62 10.26 -13.49
CA ARG B 27 17.78 10.33 -12.60
C ARG B 27 17.32 10.27 -11.15
N ILE B 28 16.22 10.95 -10.86
CA ILE B 28 15.67 10.89 -9.51
C ILE B 28 15.14 9.49 -9.19
N TRP B 29 14.50 8.86 -10.16
CA TRP B 29 14.02 7.50 -9.94
C TRP B 29 15.18 6.60 -9.52
N GLN B 30 16.32 6.77 -10.19
CA GLN B 30 17.48 5.96 -9.87
C GLN B 30 17.99 6.10 -8.43
N ILE B 31 17.73 7.24 -7.79
CA ILE B 31 18.10 7.44 -6.39
C ILE B 31 17.42 6.38 -5.52
N TYR B 32 16.15 6.11 -5.82
CA TYR B 32 15.34 5.18 -5.04
C TYR B 32 15.49 3.73 -5.52
N ALA B 33 15.83 3.57 -6.80
CA ALA B 33 15.97 2.25 -7.38
C ALA B 33 17.34 1.61 -7.16
N ASP B 34 18.34 2.40 -6.80
CA ASP B 34 19.70 1.86 -6.57
C ASP B 34 19.94 1.93 -5.07
N PRO B 35 20.02 0.76 -4.42
CA PRO B 35 20.13 0.78 -2.95
C PRO B 35 21.36 1.54 -2.45
N ARG B 36 22.44 1.60 -3.23
CA ARG B 36 23.60 2.35 -2.82
C ARG B 36 23.36 3.85 -2.83
N GLN B 37 22.51 4.33 -3.73
CA GLN B 37 22.20 5.76 -3.75
C GLN B 37 21.24 6.09 -2.64
N LEU B 38 20.22 5.25 -2.48
CA LEU B 38 19.20 5.43 -1.45
C LEU B 38 19.88 5.46 -0.08
N GLU B 39 20.78 4.50 0.17
CA GLU B 39 21.40 4.49 1.48
C GLU B 39 22.29 5.72 1.72
N LYS B 40 22.90 6.27 0.67
CA LYS B 40 23.75 7.43 0.83
C LYS B 40 22.97 8.70 1.15
N VAL B 41 21.78 8.84 0.58
CA VAL B 41 21.02 10.06 0.80
C VAL B 41 20.18 10.01 2.08
N TRP B 42 19.91 8.81 2.58
CA TRP B 42 19.06 8.65 3.75
C TRP B 42 19.74 9.15 5.00
N GLY B 43 21.06 9.01 5.03
CA GLY B 43 21.83 9.49 6.15
C GLY B 43 22.97 10.36 5.70
N PRO B 44 23.10 11.54 6.29
CA PRO B 44 24.30 12.36 6.07
C PRO B 44 25.49 11.60 6.63
N PRO B 45 26.71 11.94 6.18
CA PRO B 45 27.92 11.24 6.63
C PRO B 45 27.99 11.10 8.15
N SER B 46 27.36 12.02 8.88
CA SER B 46 27.41 11.98 10.35
C SER B 46 26.34 11.07 10.96
N HIS B 47 25.27 10.84 10.21
CA HIS B 47 24.17 10.00 10.66
C HIS B 47 23.87 8.96 9.58
N PRO B 48 24.77 7.98 9.42
CA PRO B 48 24.71 7.14 8.22
C PRO B 48 23.58 6.12 8.25
N ALA B 49 23.06 5.81 7.07
CA ALA B 49 22.04 4.81 6.93
C ALA B 49 22.62 3.64 6.17
N THR B 50 21.95 2.50 6.29
CA THR B 50 22.34 1.29 5.61
C THR B 50 21.10 0.69 4.99
N VAL B 51 21.15 0.40 3.70
CA VAL B 51 20.09 -0.38 3.07
C VAL B 51 20.44 -1.86 3.14
N VAL B 52 19.55 -2.63 3.77
CA VAL B 52 19.76 -4.04 4.04
C VAL B 52 19.20 -4.93 2.93
N ASP B 53 17.89 -4.82 2.68
CA ASP B 53 17.24 -5.47 1.55
C ASP B 53 16.55 -4.40 0.71
N HIS B 54 16.44 -4.63 -0.60
CA HIS B 54 15.87 -3.65 -1.49
C HIS B 54 15.25 -4.31 -2.73
N ASP B 55 13.93 -4.21 -2.87
CA ASP B 55 13.24 -4.70 -4.07
C ASP B 55 12.11 -3.73 -4.39
N LEU B 56 12.33 -2.86 -5.38
CA LEU B 56 11.37 -1.79 -5.67
C LEU B 56 10.34 -2.25 -6.69
N ARG B 57 9.47 -3.14 -6.23
CA ARG B 57 8.40 -3.73 -7.03
C ARG B 57 7.26 -3.98 -6.07
N PRO B 58 6.01 -4.02 -6.57
CA PRO B 58 4.88 -4.30 -5.68
C PRO B 58 5.07 -5.60 -4.93
N GLY B 59 4.88 -5.58 -3.62
CA GLY B 59 5.12 -6.75 -2.79
C GLY B 59 6.55 -6.84 -2.29
N GLY B 60 7.44 -5.99 -2.81
CA GLY B 60 8.81 -5.96 -2.36
C GLY B 60 8.99 -5.23 -1.05
N ARG B 61 10.18 -5.37 -0.47
CA ARG B 61 10.56 -4.65 0.74
C ARG B 61 11.84 -3.89 0.54
N VAL B 62 11.92 -2.74 1.20
CA VAL B 62 13.19 -2.06 1.42
C VAL B 62 13.35 -2.01 2.92
N THR B 63 14.44 -2.57 3.44
CA THR B 63 14.69 -2.54 4.88
C THR B 63 15.99 -1.78 5.12
N TYR B 64 16.09 -1.14 6.28
CA TYR B 64 17.22 -0.26 6.54
C TYR B 64 17.54 -0.11 8.01
N PHE B 65 18.78 0.34 8.26
CA PHE B 65 19.19 0.85 9.55
C PHE B 65 19.44 2.34 9.37
N MET B 66 18.96 3.15 10.30
CA MET B 66 19.21 4.59 10.23
C MET B 66 19.83 5.08 11.54
N THR B 67 20.43 6.26 11.48
CA THR B 67 21.04 6.87 12.65
C THR B 67 20.27 8.11 13.05
N GLY B 68 19.76 8.13 14.26
CA GLY B 68 19.03 9.28 14.78
C GLY B 68 19.94 10.49 14.93
N PRO B 69 19.35 11.69 14.94
CA PRO B 69 20.12 12.93 15.04
C PRO B 69 20.99 12.95 16.29
N ASP B 70 20.56 12.18 17.31
CA ASP B 70 21.28 12.10 18.58
C ASP B 70 22.26 10.93 18.58
N GLY B 71 22.36 10.23 17.46
CA GLY B 71 23.26 9.10 17.34
C GLY B 71 22.58 7.76 17.53
N GLU B 72 21.30 7.78 17.88
CA GLU B 72 20.52 6.55 18.09
C GLU B 72 20.30 5.78 16.78
N LYS B 73 20.78 4.53 16.76
CA LYS B 73 20.54 3.67 15.59
C LYS B 73 19.23 2.90 15.75
N TYR B 74 18.50 2.76 14.65
CA TYR B 74 17.23 2.05 14.64
C TYR B 74 16.96 1.44 13.26
N ALA B 75 15.98 0.56 13.17
CA ALA B 75 15.66 -0.11 11.92
C ALA B 75 14.26 0.24 11.47
N GLY B 76 14.04 0.18 10.16
CA GLY B 76 12.72 0.45 9.63
C GLY B 76 12.53 -0.28 8.32
N TYR B 77 11.34 -0.20 7.76
CA TYR B 77 11.07 -0.95 6.55
C TYR B 77 10.03 -0.27 5.69
N TRP B 78 10.16 -0.48 4.38
CA TRP B 78 9.13 -0.12 3.41
C TRP B 78 8.55 -1.40 2.85
N GLU B 79 7.22 -1.48 2.81
CA GLU B 79 6.56 -2.53 2.06
C GLU B 79 5.97 -1.91 0.81
N ILE B 80 6.54 -2.22 -0.34
CA ILE B 80 6.14 -1.55 -1.57
C ILE B 80 4.76 -2.05 -2.02
N THR B 81 3.85 -1.10 -2.25
CA THR B 81 2.46 -1.44 -2.56
C THR B 81 2.10 -1.14 -4.02
N ALA B 82 2.85 -0.26 -4.66
CA ALA B 82 2.62 0.03 -6.07
C ALA B 82 3.85 0.68 -6.67
N VAL B 83 4.10 0.41 -7.96
CA VAL B 83 5.21 1.05 -8.67
C VAL B 83 4.74 1.38 -10.08
N ASP B 84 5.00 2.62 -10.50
CA ASP B 84 4.69 3.08 -11.85
C ASP B 84 5.89 3.88 -12.33
N GLU B 85 6.95 3.18 -12.71
CA GLU B 85 8.22 3.79 -13.04
C GLU B 85 8.10 4.65 -14.30
N PRO B 86 8.68 5.87 -14.28
CA PRO B 86 9.41 6.53 -13.20
C PRO B 86 8.57 7.63 -12.55
N HIS B 87 7.25 7.51 -12.67
CA HIS B 87 6.33 8.55 -12.21
CA HIS B 87 6.35 8.56 -12.21
C HIS B 87 6.07 8.49 -10.70
N SER B 88 5.91 7.29 -10.14
N SER B 88 5.91 7.30 -10.15
CA SER B 88 5.49 7.20 -8.75
CA SER B 88 5.60 7.19 -8.74
C SER B 88 5.66 5.82 -8.17
C SER B 88 5.84 5.81 -8.18
N PHE B 89 5.88 5.73 -6.86
CA PHE B 89 5.73 4.47 -6.15
C PHE B 89 5.09 4.74 -4.81
N SER B 90 4.50 3.70 -4.23
CA SER B 90 3.78 3.82 -2.96
C SER B 90 4.26 2.72 -2.04
N PHE B 91 4.15 2.97 -0.74
CA PHE B 91 4.62 2.00 0.23
C PHE B 91 4.07 2.25 1.62
N LEU B 92 4.02 1.18 2.40
CA LEU B 92 3.77 1.24 3.83
C LEU B 92 5.14 1.40 4.51
N ASP B 93 5.23 2.33 5.46
CA ASP B 93 6.48 2.54 6.18
C ASP B 93 6.29 2.21 7.65
N GLY B 94 7.23 1.47 8.22
CA GLY B 94 7.16 1.09 9.62
C GLY B 94 8.53 1.05 10.27
N PHE B 95 8.55 0.96 11.60
CA PHE B 95 9.77 0.77 12.38
C PHE B 95 9.82 -0.65 12.91
N ALA B 96 11.02 -1.12 13.20
CA ALA B 96 11.18 -2.45 13.76
C ALA B 96 12.47 -2.52 14.55
N ASP B 97 12.71 -3.63 15.23
CA ASP B 97 14.01 -3.82 15.85
C ASP B 97 14.96 -4.31 14.76
N GLU B 98 16.23 -4.48 15.11
CA GLU B 98 17.24 -4.70 14.07
C GLU B 98 17.20 -6.07 13.43
N ASP B 99 16.44 -7.00 13.99
CA ASP B 99 16.26 -8.29 13.33
C ASP B 99 14.93 -8.27 12.58
N PHE B 100 14.35 -7.08 12.52
CA PHE B 100 13.16 -6.80 11.71
C PHE B 100 11.88 -7.47 12.17
N ASN B 101 11.59 -7.31 13.46
CA ASN B 101 10.28 -7.56 14.04
C ASN B 101 9.65 -6.21 14.35
N PRO B 102 8.50 -5.91 13.71
CA PRO B 102 7.83 -4.62 13.88
C PRO B 102 7.59 -4.26 15.34
N VAL B 108 2.88 3.44 11.89
CA VAL B 108 2.93 3.06 10.48
C VAL B 108 2.20 4.08 9.59
N SER B 109 2.81 4.43 8.47
CA SER B 109 2.21 5.37 7.53
C SER B 109 2.12 4.75 6.13
N THR B 110 1.21 5.26 5.30
CA THR B 110 1.20 4.87 3.89
C THR B 110 1.68 6.07 3.09
N ASN B 111 2.52 5.80 2.09
CA ASN B 111 3.25 6.87 1.43
C ASN B 111 3.13 6.81 -0.06
N VAL B 112 3.17 7.98 -0.70
CA VAL B 112 3.16 8.04 -2.16
C VAL B 112 4.20 9.06 -2.58
N TYR B 113 5.17 8.59 -3.36
CA TYR B 113 6.24 9.43 -3.92
C TYR B 113 5.94 9.66 -5.39
N THR B 114 5.91 10.93 -5.81
CA THR B 114 5.53 11.22 -7.19
C THR B 114 6.52 12.19 -7.83
N PHE B 115 6.99 11.83 -9.03
CA PHE B 115 8.04 12.60 -9.70
C PHE B 115 7.55 13.06 -11.08
N THR B 116 7.70 14.35 -11.37
CA THR B 116 7.21 14.91 -12.63
C THR B 116 8.23 15.84 -13.26
N GLU B 117 8.21 15.93 -14.60
CA GLU B 117 9.05 16.92 -15.28
C GLU B 117 8.52 18.29 -14.94
N HIS B 118 9.40 19.16 -14.49
CA HIS B 118 9.00 20.48 -14.00
C HIS B 118 10.17 21.44 -14.08
N ASP B 119 9.94 22.56 -14.76
CA ASP B 119 10.91 23.65 -14.80
C ASP B 119 12.33 23.25 -15.20
N GLY B 120 12.45 22.33 -16.15
CA GLY B 120 13.76 21.88 -16.63
C GLY B 120 14.42 20.83 -15.75
N GLY B 121 13.70 20.40 -14.71
CA GLY B 121 14.19 19.41 -13.78
C GLY B 121 13.06 18.50 -13.33
N THR B 122 13.07 18.14 -12.05
CA THR B 122 12.07 17.24 -11.50
C THR B 122 11.44 17.83 -10.26
N ARG B 123 10.12 17.83 -10.25
CA ARG B 123 9.39 18.11 -9.02
C ARG B 123 9.03 16.79 -8.35
N ALA B 124 9.32 16.69 -7.06
CA ALA B 124 9.00 15.48 -6.31
C ALA B 124 8.01 15.82 -5.20
N THR B 125 6.92 15.07 -5.10
CA THR B 125 6.04 15.23 -3.94
C THR B 125 6.06 13.96 -3.11
N TYR B 126 6.24 14.13 -1.81
CA TYR B 126 6.29 13.00 -0.89
C TYR B 126 5.13 13.16 0.09
N VAL B 127 4.15 12.29 -0.03
CA VAL B 127 2.91 12.43 0.75
C VAL B 127 2.71 11.25 1.71
N GLY B 128 2.74 11.54 3.01
CA GLY B 128 2.54 10.51 4.01
C GLY B 128 1.17 10.63 4.64
N THR B 129 0.44 9.51 4.72
CA THR B 129 -0.88 9.47 5.34
C THR B 129 -0.81 8.67 6.64
N TYR B 130 -1.36 9.23 7.71
CA TYR B 130 -1.28 8.62 9.04
C TYR B 130 -2.65 8.13 9.52
N ALA B 131 -2.66 7.27 10.54
CA ALA B 131 -3.90 6.62 10.97
C ALA B 131 -4.71 7.45 11.95
N SER B 132 -4.08 8.48 12.51
CA SER B 132 -4.75 9.38 13.44
C SER B 132 -4.04 10.73 13.50
N ALA B 133 -4.77 11.74 13.94
CA ALA B 133 -4.16 13.05 14.17
C ALA B 133 -3.05 12.89 15.19
N GLU B 134 -3.28 12.01 16.16
CA GLU B 134 -2.30 11.67 17.17
C GLU B 134 -0.98 11.31 16.51
N ALA B 135 -1.04 10.34 15.59
CA ALA B 135 0.15 9.84 14.91
C ALA B 135 0.84 10.90 14.06
N LEU B 136 0.05 11.73 13.38
CA LEU B 136 0.62 12.82 12.59
C LEU B 136 1.32 13.84 13.50
N GLN B 137 0.71 14.12 14.63
CA GLN B 137 1.28 15.06 15.60
C GLN B 137 2.58 14.51 16.19
N GLN B 138 2.65 13.20 16.31
CA GLN B 138 3.81 12.52 16.88
C GLN B 138 5.02 12.57 15.94
N VAL B 139 4.78 12.29 14.66
CA VAL B 139 5.87 12.29 13.68
C VAL B 139 6.45 13.70 13.51
N LEU B 140 5.59 14.71 13.60
CA LEU B 140 6.03 16.10 13.53
C LEU B 140 6.99 16.39 14.69
N ASP B 141 6.73 15.75 15.82
CA ASP B 141 7.57 15.92 17.01
C ASP B 141 8.89 15.17 16.89
N MET B 142 8.85 13.96 16.33
CA MET B 142 10.07 13.20 16.12
C MET B 142 11.02 13.89 15.14
N GLY B 143 10.55 14.98 14.51
CA GLY B 143 11.35 15.72 13.54
C GLY B 143 11.36 15.09 12.15
N VAL B 144 10.21 14.58 11.71
CA VAL B 144 10.13 13.90 10.43
C VAL B 144 10.42 14.84 9.25
N ILE B 145 9.96 16.08 9.36
CA ILE B 145 10.18 17.05 8.26
C ILE B 145 11.67 17.33 8.11
N GLU B 146 12.36 17.54 9.24
CA GLU B 146 13.79 17.84 9.22
C GLU B 146 14.56 16.68 8.60
N GLY B 147 14.18 15.47 9.00
CA GLY B 147 14.79 14.26 8.46
C GLY B 147 14.58 14.11 6.97
N ALA B 148 13.35 14.36 6.52
CA ALA B 148 13.02 14.24 5.10
C ALA B 148 13.76 15.29 4.30
N SER B 149 13.85 16.49 4.87
CA SER B 149 14.50 17.62 4.22
C SER B 149 16.00 17.37 4.11
N SER B 150 16.54 16.71 5.12
CA SER B 150 17.96 16.35 5.10
CA SER B 150 17.96 16.35 5.10
C SER B 150 18.28 15.36 3.99
N ALA B 151 17.43 14.36 3.81
CA ALA B 151 17.66 13.39 2.74
C ALA B 151 17.54 14.07 1.37
N ILE B 152 16.59 14.97 1.25
CA ILE B 152 16.42 15.74 0.01
C ILE B 152 17.65 16.60 -0.26
N ASN B 153 18.20 17.22 0.78
CA ASN B 153 19.44 17.97 0.66
C ASN B 153 20.59 17.05 0.19
N GLN B 154 20.62 15.81 0.68
CA GLN B 154 21.66 14.86 0.27
C GLN B 154 21.46 14.43 -1.18
N ILE B 155 20.22 14.35 -1.61
CA ILE B 155 19.95 14.11 -3.02
C ILE B 155 20.53 15.26 -3.85
N ASP B 156 20.29 16.49 -3.43
CA ASP B 156 20.85 17.65 -4.13
C ASP B 156 22.35 17.45 -4.31
N ALA B 157 23.01 17.04 -3.23
CA ALA B 157 24.47 16.93 -3.23
C ALA B 157 24.92 15.79 -4.15
N LEU B 158 24.20 14.68 -4.09
CA LEU B 158 24.53 13.51 -4.92
C LEU B 158 24.42 13.85 -6.41
N LEU B 159 23.37 14.57 -6.77
CA LEU B 159 23.21 15.03 -8.15
C LEU B 159 24.38 15.92 -8.59
N THR B 160 24.81 16.81 -7.71
CA THR B 160 25.93 17.69 -8.02
C THR B 160 27.20 16.88 -8.27
N ALA B 161 27.43 15.89 -7.42
CA ALA B 161 28.60 15.02 -7.57
C ALA B 161 28.62 14.26 -8.91
N THR B 162 27.55 14.41 -9.68
CA THR B 162 27.45 13.78 -11.01
C THR B 162 28.07 14.66 -12.09
N HIS B 163 28.32 15.92 -11.77
CA HIS B 163 28.83 16.89 -12.74
C HIS B 163 30.31 17.20 -12.52
#